data_7QST
#
_entry.id   7QST
#
_cell.length_a   91.080
_cell.length_b   81.870
_cell.length_c   67.690
_cell.angle_alpha   90.000
_cell.angle_beta   112.850
_cell.angle_gamma   90.000
#
_symmetry.space_group_name_H-M   'C 1 2 1'
#
loop_
_entity.id
_entity.type
_entity.pdbx_description
1 polymer 'V-type ATP synthase subunit A'
2 non-polymer 'CADMIUM ION'
3 non-polymer 'NICKEL (II) ION'
4 water water
#
_entity_poly.entity_id   1
_entity_poly.type   'polypeptide(L)'
_entity_poly.pdbx_seq_one_letter_code
;SGKAVDGDTLVLTKEFGLIKIKELYEKLDGKGRKIVEGNEEWTELEKPITVYGYKDGKIVEIKATHVYKGVSSGMVEIRT
RTGRKIKVTPIHRLFTGRVTKDGLILKEVMAMHVKPGDRIAVVKKIDGGEYIKLDSSNVGEIKVPEILNEELAEFLGYLM
ANGTLKSGIIEIYCDDESLLERVNSLSLKLFGVGGRIVQKVDGKALVIQSKPLVDVLRRLGVPEDKKVENWKVPRELLLS
PSNVVRAFVNAYIKGKEEVEITLASEEGAYELSYLFAKLGIYVTISKSGEYYKVRVSRRGNLDTIPVEVNGMPKVLPYED
FRKFAKSIGLEEVAENHLQHIIFDEVIDVRYIPEPQEVYDVTTETHNFVGGNMPTLLHN
;
_entity_poly.pdbx_strand_id   A
#
# COMPACT_ATOMS: atom_id res chain seq x y z
N SER A 1 -21.23 -20.14 -2.95
CA SER A 1 -20.53 -18.89 -2.76
C SER A 1 -20.13 -18.28 -4.09
N GLY A 2 -19.88 -16.98 -4.09
CA GLY A 2 -19.26 -16.31 -5.19
C GLY A 2 -17.74 -16.24 -5.11
N LYS A 3 -17.19 -15.27 -5.82
CA LYS A 3 -15.76 -15.02 -5.88
C LYS A 3 -15.49 -13.94 -4.85
N ALA A 4 -14.83 -14.30 -3.77
CA ALA A 4 -14.83 -13.38 -2.65
C ALA A 4 -13.55 -13.58 -1.83
N VAL A 5 -13.33 -12.66 -0.89
CA VAL A 5 -12.08 -12.57 -0.14
C VAL A 5 -12.35 -12.49 1.34
N ASP A 6 -11.31 -12.71 2.12
CA ASP A 6 -11.44 -12.60 3.56
C ASP A 6 -11.71 -11.15 3.99
N GLY A 7 -12.45 -11.01 5.09
CA GLY A 7 -12.85 -9.69 5.56
C GLY A 7 -11.71 -8.79 5.98
N ASP A 8 -10.53 -9.37 6.33
CA ASP A 8 -9.34 -8.56 6.63
C ASP A 8 -8.57 -8.09 5.39
N THR A 9 -8.90 -8.62 4.21
CA THR A 9 -8.23 -8.22 2.98
C THR A 9 -8.30 -6.71 2.80
N LEU A 10 -7.14 -6.05 2.75
CA LEU A 10 -7.14 -4.61 2.55
C LEU A 10 -7.54 -4.25 1.11
N VAL A 11 -8.27 -3.15 0.96
CA VAL A 11 -8.63 -2.57 -0.33
C VAL A 11 -8.23 -1.10 -0.33
N LEU A 12 -7.58 -0.65 -1.42
CA LEU A 12 -7.28 0.76 -1.60
C LEU A 12 -8.48 1.47 -2.23
N THR A 13 -9.09 2.39 -1.48
CA THR A 13 -10.19 3.22 -1.98
C THR A 13 -9.84 4.70 -1.87
N LYS A 14 -10.48 5.50 -2.74
CA LYS A 14 -10.33 6.96 -2.71
C LYS A 14 -11.06 7.56 -1.51
N GLU A 15 -12.27 7.07 -1.22
CA GLU A 15 -13.15 7.67 -0.21
C GLU A 15 -12.72 7.35 1.21
N PHE A 16 -12.05 6.22 1.43
CA PHE A 16 -11.70 5.80 2.78
C PHE A 16 -10.23 5.43 2.94
N GLY A 17 -9.40 5.55 1.90
CA GLY A 17 -8.02 5.11 2.00
C GLY A 17 -7.92 3.60 1.97
N LEU A 18 -6.87 3.08 2.63
CA LEU A 18 -6.62 1.65 2.69
C LEU A 18 -7.39 1.03 3.86
N ILE A 19 -8.33 0.15 3.56
CA ILE A 19 -9.31 -0.28 4.57
C ILE A 19 -9.59 -1.76 4.39
N LYS A 20 -9.78 -2.48 5.49
CA LYS A 20 -10.22 -3.86 5.37
C LYS A 20 -11.59 -3.92 4.71
N ILE A 21 -11.79 -4.93 3.87
CA ILE A 21 -13.00 -5.01 3.07
C ILE A 21 -14.25 -5.22 3.94
N LYS A 22 -14.16 -5.90 5.10
CA LYS A 22 -15.35 -5.99 5.94
C LYS A 22 -15.75 -4.62 6.48
N GLU A 23 -14.77 -3.74 6.75
CA GLU A 23 -15.09 -2.40 7.26
C GLU A 23 -15.64 -1.48 6.17
N LEU A 24 -15.16 -1.64 4.95
CA LEU A 24 -15.76 -0.96 3.81
C LEU A 24 -17.19 -1.44 3.58
N TYR A 25 -17.40 -2.76 3.67
CA TYR A 25 -18.73 -3.30 3.44
C TYR A 25 -19.70 -2.75 4.45
N GLU A 26 -19.29 -2.66 5.72
CA GLU A 26 -20.17 -2.11 6.75
C GLU A 26 -20.57 -0.66 6.43
N LYS A 27 -19.74 0.07 5.69
CA LYS A 27 -20.05 1.45 5.36
C LYS A 27 -20.93 1.58 4.12
N LEU A 28 -20.81 0.66 3.15
CA LEU A 28 -21.64 0.74 1.96
C LEU A 28 -22.89 -0.13 2.04
N ASP A 29 -23.02 -0.94 3.09
CA ASP A 29 -24.11 -1.91 3.21
C ASP A 29 -25.49 -1.27 3.10
N GLY A 30 -26.30 -1.79 2.20
CA GLY A 30 -27.64 -1.30 1.99
C GLY A 30 -27.77 0.13 1.47
N LYS A 31 -26.66 0.83 1.24
CA LYS A 31 -26.72 2.21 0.74
C LYS A 31 -26.92 2.15 -0.77
N GLY A 32 -28.13 1.87 -1.15
CA GLY A 32 -28.53 1.58 -2.51
C GLY A 32 -29.62 0.53 -2.48
N ARG A 33 -29.69 -0.23 -3.56
CA ARG A 33 -30.73 -1.23 -3.74
C ARG A 33 -30.18 -2.61 -3.33
N LYS A 34 -30.90 -3.29 -2.43
CA LYS A 34 -30.39 -4.49 -1.77
C LYS A 34 -31.20 -5.72 -2.16
N ILE A 35 -30.48 -6.82 -2.38
CA ILE A 35 -31.05 -8.12 -2.70
C ILE A 35 -30.45 -9.11 -1.70
N VAL A 36 -31.32 -9.86 -1.02
CA VAL A 36 -30.91 -10.85 -0.02
C VAL A 36 -31.40 -12.22 -0.46
N GLU A 37 -30.50 -13.20 -0.43
CA GLU A 37 -30.84 -14.59 -0.76
C GLU A 37 -30.14 -15.51 0.24
N GLY A 38 -30.89 -15.96 1.24
CA GLY A 38 -30.28 -16.72 2.33
C GLY A 38 -29.18 -15.90 3.00
N ASN A 39 -28.00 -16.52 3.14
CA ASN A 39 -26.84 -15.92 3.77
C ASN A 39 -26.05 -15.00 2.84
N GLU A 40 -26.54 -14.72 1.63
CA GLU A 40 -25.84 -13.83 0.72
C GLU A 40 -26.62 -12.54 0.52
N GLU A 41 -25.89 -11.46 0.28
CA GLU A 41 -26.46 -10.13 0.13
C GLU A 41 -25.67 -9.34 -0.92
N TRP A 42 -26.39 -8.64 -1.77
CA TRP A 42 -25.81 -7.77 -2.79
C TRP A 42 -26.44 -6.39 -2.67
N THR A 43 -25.61 -5.35 -2.75
CA THR A 43 -26.09 -3.98 -2.79
C THR A 43 -25.56 -3.30 -4.06
N GLU A 44 -26.48 -2.76 -4.85
CA GLU A 44 -26.15 -1.86 -5.95
C GLU A 44 -26.07 -0.45 -5.38
N LEU A 45 -24.86 0.10 -5.31
CA LEU A 45 -24.64 1.33 -4.56
C LEU A 45 -25.35 2.50 -5.21
N GLU A 46 -26.03 3.31 -4.41
CA GLU A 46 -26.64 4.53 -4.94
C GLU A 46 -25.56 5.48 -5.47
N LYS A 47 -24.40 5.52 -4.82
CA LYS A 47 -23.30 6.36 -5.27
C LYS A 47 -22.05 5.50 -5.39
N PRO A 48 -21.58 5.22 -6.61
CA PRO A 48 -20.40 4.36 -6.76
C PRO A 48 -19.19 4.99 -6.11
N ILE A 49 -18.28 4.14 -5.65
CA ILE A 49 -17.08 4.65 -5.01
C ILE A 49 -15.91 4.42 -5.94
N THR A 50 -14.73 4.90 -5.57
CA THR A 50 -13.54 4.80 -6.41
C THR A 50 -12.53 3.87 -5.76
N VAL A 51 -12.04 2.89 -6.54
CA VAL A 51 -10.99 1.99 -6.10
C VAL A 51 -9.91 2.01 -7.18
N TYR A 52 -9.02 1.01 -7.18
CA TYR A 52 -7.94 0.94 -8.14
C TYR A 52 -7.97 -0.41 -8.86
N GLY A 53 -7.68 -0.37 -10.15
CA GLY A 53 -7.62 -1.60 -10.92
C GLY A 53 -6.77 -1.48 -12.15
N TYR A 54 -6.64 -2.63 -12.82
CA TYR A 54 -5.85 -2.78 -14.03
C TYR A 54 -6.73 -2.50 -15.24
N LYS A 55 -6.32 -1.54 -16.06
CA LYS A 55 -7.16 -1.01 -17.12
C LYS A 55 -6.22 -0.41 -18.16
N ASP A 56 -6.30 -0.91 -19.39
CA ASP A 56 -5.53 -0.35 -20.51
C ASP A 56 -4.02 -0.40 -20.22
N GLY A 57 -3.60 -1.39 -19.44
CA GLY A 57 -2.20 -1.59 -19.12
C GLY A 57 -1.68 -0.80 -17.92
N LYS A 58 -2.54 -0.11 -17.20
CA LYS A 58 -2.10 0.70 -16.08
C LYS A 58 -2.92 0.37 -14.85
N ILE A 59 -2.34 0.67 -13.68
CA ILE A 59 -3.04 0.56 -12.43
C ILE A 59 -3.53 1.96 -12.09
N VAL A 60 -4.86 2.16 -12.15
CA VAL A 60 -5.45 3.49 -12.12
C VAL A 60 -6.75 3.46 -11.33
N GLU A 61 -7.37 4.63 -11.19
CA GLU A 61 -8.66 4.75 -10.50
C GLU A 61 -9.80 4.25 -11.38
N ILE A 62 -10.76 3.56 -10.76
CA ILE A 62 -11.92 3.00 -11.47
C ILE A 62 -13.11 2.98 -10.52
N LYS A 63 -14.32 2.85 -11.09
CA LYS A 63 -15.51 2.87 -10.26
C LYS A 63 -15.86 1.48 -9.75
N ALA A 64 -16.40 1.45 -8.54
CA ALA A 64 -16.96 0.25 -7.93
C ALA A 64 -18.44 0.52 -7.67
N THR A 65 -19.29 -0.39 -8.16
CA THR A 65 -20.74 -0.19 -8.26
C THR A 65 -21.58 -1.11 -7.37
N HIS A 66 -21.00 -2.16 -6.79
CA HIS A 66 -21.78 -3.16 -6.05
C HIS A 66 -20.90 -3.76 -4.97
N VAL A 67 -21.54 -4.11 -3.84
CA VAL A 67 -20.88 -4.85 -2.76
C VAL A 67 -21.64 -6.11 -2.43
N TYR A 68 -20.92 -7.07 -1.85
CA TYR A 68 -21.43 -8.41 -1.61
C TYR A 68 -20.91 -8.96 -0.28
N LYS A 69 -21.78 -9.66 0.43
CA LYS A 69 -21.36 -10.45 1.58
C LYS A 69 -22.04 -11.81 1.54
N GLY A 70 -21.27 -12.86 1.78
CA GLY A 70 -21.86 -14.17 1.94
C GLY A 70 -20.97 -15.07 2.77
N VAL A 71 -21.20 -16.36 2.68
CA VAL A 71 -20.48 -17.32 3.49
C VAL A 71 -19.84 -18.35 2.58
N SER A 72 -18.62 -18.74 2.91
CA SER A 72 -17.89 -19.76 2.20
C SER A 72 -17.62 -20.90 3.16
N SER A 73 -17.66 -22.13 2.65
CA SER A 73 -17.45 -23.29 3.51
C SER A 73 -15.96 -23.53 3.81
N GLY A 74 -15.08 -22.88 3.06
CA GLY A 74 -13.65 -22.98 3.27
C GLY A 74 -12.97 -21.86 2.50
N MET A 75 -11.66 -21.75 2.66
CA MET A 75 -10.91 -20.70 2.01
C MET A 75 -9.58 -21.26 1.53
N VAL A 76 -8.95 -20.54 0.59
CA VAL A 76 -7.58 -20.79 0.15
C VAL A 76 -6.71 -19.62 0.61
N GLU A 77 -5.58 -19.95 1.20
CA GLU A 77 -4.59 -18.96 1.61
C GLU A 77 -3.33 -19.15 0.77
N ILE A 78 -2.91 -18.08 0.12
CA ILE A 78 -1.81 -18.07 -0.84
C ILE A 78 -0.72 -17.14 -0.31
N ARG A 79 0.47 -17.69 -0.08
CA ARG A 79 1.61 -16.93 0.40
C ARG A 79 2.65 -16.89 -0.72
N THR A 80 3.08 -15.69 -1.09
CA THR A 80 4.08 -15.52 -2.13
C THR A 80 5.40 -15.12 -1.51
N ARG A 81 6.38 -15.04 -2.37
CA ARG A 81 7.73 -14.83 -1.90
C ARG A 81 7.94 -13.40 -1.37
N THR A 82 7.47 -12.36 -2.07
CA THR A 82 7.64 -11.00 -1.57
C THR A 82 6.94 -10.76 -0.23
N GLY A 83 6.11 -11.70 0.24
CA GLY A 83 5.39 -11.57 1.48
C GLY A 83 3.89 -11.34 1.35
N ARG A 84 3.31 -11.39 0.16
CA ARG A 84 1.86 -11.31 0.09
C ARG A 84 1.25 -12.55 0.72
N LYS A 85 0.16 -12.35 1.47
CA LYS A 85 -0.60 -13.45 2.06
C LYS A 85 -2.08 -13.11 1.82
N ILE A 86 -2.71 -13.80 0.88
CA ILE A 86 -4.09 -13.49 0.55
C ILE A 86 -4.99 -14.69 0.86
N LYS A 87 -6.15 -14.40 1.43
CA LYS A 87 -7.10 -15.43 1.86
C LYS A 87 -8.39 -15.21 1.07
N VAL A 88 -8.76 -16.19 0.19
CA VAL A 88 -9.83 -16.03 -0.80
C VAL A 88 -10.68 -17.31 -0.93
N THR A 89 -11.88 -17.17 -1.47
CA THR A 89 -12.67 -18.38 -1.79
C THR A 89 -12.00 -19.22 -2.87
N PRO A 90 -12.25 -20.54 -2.88
CA PRO A 90 -11.60 -21.41 -3.88
C PRO A 90 -11.82 -21.03 -5.35
N ILE A 91 -12.95 -20.42 -5.70
CA ILE A 91 -13.19 -20.01 -7.08
C ILE A 91 -12.76 -18.58 -7.37
N HIS A 92 -12.22 -17.86 -6.38
CA HIS A 92 -11.71 -16.53 -6.67
C HIS A 92 -10.55 -16.65 -7.66
N ARG A 93 -10.45 -15.67 -8.54
CA ARG A 93 -9.49 -15.73 -9.64
C ARG A 93 -8.25 -14.89 -9.36
N LEU A 94 -7.10 -15.42 -9.72
CA LEU A 94 -5.90 -14.63 -9.80
C LEU A 94 -5.36 -14.72 -11.22
N PHE A 95 -4.31 -13.95 -11.49
CA PHE A 95 -3.70 -13.89 -12.81
C PHE A 95 -2.29 -14.47 -12.75
N THR A 96 -2.02 -15.49 -13.55
CA THR A 96 -0.66 -15.79 -13.96
C THR A 96 -0.34 -14.99 -15.25
N GLY A 97 0.91 -15.01 -15.68
CA GLY A 97 1.20 -14.32 -16.92
C GLY A 97 2.67 -14.32 -17.27
N ARG A 98 2.94 -13.71 -18.43
CA ARG A 98 4.30 -13.61 -18.97
C ARG A 98 4.49 -12.24 -19.61
N VAL A 99 5.77 -11.84 -19.68
CA VAL A 99 6.22 -10.63 -20.39
C VAL A 99 6.60 -11.02 -21.80
N THR A 100 6.01 -10.37 -22.80
CA THR A 100 6.26 -10.65 -24.21
C THR A 100 6.76 -9.36 -24.88
N LYS A 101 7.12 -9.48 -26.16
CA LYS A 101 7.56 -8.30 -26.91
C LYS A 101 6.46 -7.23 -26.96
N ASP A 102 5.20 -7.64 -26.92
CA ASP A 102 4.06 -6.70 -26.96
C ASP A 102 3.30 -6.80 -25.64
N GLY A 103 3.99 -6.59 -24.52
CA GLY A 103 3.32 -6.40 -23.24
C GLY A 103 3.04 -7.69 -22.48
N LEU A 104 2.13 -7.59 -21.53
CA LEU A 104 1.85 -8.72 -20.67
C LEU A 104 0.71 -9.53 -21.22
N ILE A 105 0.88 -10.85 -21.23
CA ILE A 105 -0.24 -11.75 -21.47
C ILE A 105 -0.61 -12.41 -20.14
N LEU A 106 -1.89 -12.32 -19.80
CA LEU A 106 -2.40 -12.80 -18.52
C LEU A 106 -3.25 -14.05 -18.72
N LYS A 107 -3.43 -14.79 -17.63
CA LYS A 107 -4.29 -15.98 -17.64
C LYS A 107 -4.95 -16.16 -16.28
N GLU A 108 -6.28 -16.25 -16.27
CA GLU A 108 -7.03 -16.45 -15.04
C GLU A 108 -6.84 -17.87 -14.54
N VAL A 109 -6.62 -18.00 -13.24
CA VAL A 109 -6.57 -19.31 -12.57
C VAL A 109 -7.33 -19.20 -11.26
N MET A 110 -8.19 -20.18 -11.01
CA MET A 110 -8.90 -20.25 -9.74
C MET A 110 -7.91 -20.48 -8.61
N ALA A 111 -8.15 -19.78 -7.50
CA ALA A 111 -7.26 -19.89 -6.33
C ALA A 111 -7.07 -21.33 -5.88
N MET A 112 -8.15 -22.13 -5.92
CA MET A 112 -8.06 -23.54 -5.54
C MET A 112 -6.98 -24.29 -6.32
N HIS A 113 -6.65 -23.83 -7.54
CA HIS A 113 -5.73 -24.54 -8.42
C HIS A 113 -4.35 -23.89 -8.51
N VAL A 114 -4.14 -22.76 -7.85
CA VAL A 114 -2.80 -22.20 -7.76
C VAL A 114 -1.91 -23.21 -7.04
N LYS A 115 -0.71 -23.41 -7.55
CA LYS A 115 0.27 -24.31 -6.96
C LYS A 115 1.56 -23.55 -6.70
N PRO A 116 2.42 -24.05 -5.80
CA PRO A 116 3.71 -23.40 -5.60
C PRO A 116 4.48 -23.36 -6.92
N GLY A 117 5.22 -22.27 -7.12
CA GLY A 117 5.90 -22.01 -8.35
C GLY A 117 5.14 -21.11 -9.30
N ASP A 118 3.83 -20.97 -9.12
CA ASP A 118 3.07 -20.12 -10.02
C ASP A 118 3.51 -18.67 -9.88
N ARG A 119 3.54 -17.96 -10.99
CA ARG A 119 3.92 -16.56 -11.01
C ARG A 119 2.63 -15.75 -11.12
N ILE A 120 2.13 -15.25 -9.97
CA ILE A 120 0.88 -14.48 -9.96
C ILE A 120 1.17 -12.99 -10.11
N ALA A 121 0.20 -12.26 -10.65
CA ALA A 121 0.36 -10.85 -10.93
C ALA A 121 0.21 -10.01 -9.67
N VAL A 122 1.18 -9.12 -9.40
CA VAL A 122 1.04 -8.16 -8.32
C VAL A 122 1.39 -6.78 -8.84
N VAL A 123 0.99 -5.79 -8.04
CA VAL A 123 0.98 -4.40 -8.44
C VAL A 123 2.27 -3.74 -7.96
N LYS A 124 3.12 -3.36 -8.91
CA LYS A 124 4.35 -2.64 -8.59
C LYS A 124 4.21 -1.13 -8.64
N LYS A 125 3.35 -0.60 -9.50
CA LYS A 125 3.18 0.84 -9.66
C LYS A 125 1.70 1.20 -9.61
N ILE A 126 1.37 2.14 -8.73
CA ILE A 126 0.03 2.67 -8.61
C ILE A 126 0.05 4.10 -9.11
N ASP A 127 -0.71 4.36 -10.18
CA ASP A 127 -0.92 5.70 -10.74
C ASP A 127 -2.20 6.25 -10.14
N GLY A 128 -2.16 7.49 -9.67
CA GLY A 128 -3.34 8.07 -9.06
C GLY A 128 -3.08 8.97 -7.86
N GLY A 129 -4.11 9.71 -7.45
CA GLY A 129 -4.01 10.57 -6.30
C GLY A 129 -4.24 12.01 -6.64
N GLU A 130 -4.56 12.81 -5.62
CA GLU A 130 -4.83 14.22 -5.82
C GLU A 130 -4.46 14.96 -4.55
N TYR A 131 -4.27 16.27 -4.69
CA TYR A 131 -3.85 17.07 -3.55
C TYR A 131 -4.95 17.12 -2.51
N ILE A 132 -4.57 16.91 -1.25
CA ILE A 132 -5.51 16.80 -0.13
C ILE A 132 -5.48 18.09 0.66
N LYS A 133 -6.67 18.68 0.88
CA LYS A 133 -6.81 19.85 1.74
C LYS A 133 -6.94 19.42 3.19
N LEU A 134 -6.44 20.25 4.10
CA LEU A 134 -6.38 19.95 5.52
C LEU A 134 -7.13 21.01 6.33
N ASP A 135 -7.38 20.68 7.61
CA ASP A 135 -8.12 21.57 8.51
C ASP A 135 -7.28 22.72 9.07
N GLY A 140 -5.02 30.49 12.08
CA GLY A 140 -5.33 30.03 13.42
C GLY A 140 -4.10 29.52 14.17
N GLU A 141 -3.79 30.17 15.30
CA GLU A 141 -2.59 29.95 16.10
C GLU A 141 -1.37 29.69 15.22
N ILE A 142 -0.81 28.48 15.28
CA ILE A 142 0.25 28.10 14.34
C ILE A 142 -0.32 28.02 12.94
N LYS A 143 0.31 28.73 12.01
CA LYS A 143 -0.13 28.63 10.62
C LYS A 143 0.17 27.24 10.06
N VAL A 144 -0.78 26.71 9.30
CA VAL A 144 -0.74 25.35 8.78
C VAL A 144 -0.85 25.39 7.25
N PRO A 145 -0.08 24.59 6.52
CA PRO A 145 -0.29 24.50 5.08
C PRO A 145 -1.70 23.99 4.79
N GLU A 146 -2.38 24.61 3.82
CA GLU A 146 -3.77 24.26 3.55
C GLU A 146 -3.95 23.08 2.62
N ILE A 147 -2.93 22.69 1.85
CA ILE A 147 -2.92 21.42 1.13
C ILE A 147 -1.65 20.68 1.51
N LEU A 148 -1.67 19.35 1.36
CA LEU A 148 -0.53 18.51 1.70
C LEU A 148 0.44 18.50 0.53
N ASN A 149 1.27 19.55 0.45
CA ASN A 149 2.20 19.77 -0.64
C ASN A 149 3.46 18.93 -0.45
N GLU A 150 4.39 19.06 -1.38
CA GLU A 150 5.65 18.31 -1.28
C GLU A 150 6.47 18.73 -0.05
N GLU A 151 6.48 20.02 0.31
CA GLU A 151 7.34 20.46 1.42
C GLU A 151 6.84 19.90 2.76
N LEU A 152 5.53 20.01 3.01
CA LEU A 152 4.95 19.43 4.20
C LEU A 152 5.20 17.93 4.28
N ALA A 153 5.09 17.23 3.14
CA ALA A 153 5.32 15.78 3.13
C ALA A 153 6.79 15.47 3.39
N GLU A 154 7.70 16.35 2.93
CA GLU A 154 9.13 16.14 3.21
C GLU A 154 9.40 16.27 4.71
N PHE A 155 8.83 17.31 5.32
CA PHE A 155 8.93 17.49 6.78
C PHE A 155 8.41 16.27 7.51
N LEU A 156 7.23 15.78 7.12
CA LEU A 156 6.65 14.61 7.75
C LEU A 156 7.52 13.37 7.54
N GLY A 157 8.21 13.29 6.42
CA GLY A 157 9.17 12.24 6.20
C GLY A 157 10.25 12.21 7.26
N TYR A 158 10.97 13.33 7.41
CA TYR A 158 12.01 13.42 8.44
C TYR A 158 11.45 13.12 9.82
N LEU A 159 10.31 13.75 10.13
CA LEU A 159 9.68 13.58 11.43
C LEU A 159 9.42 12.11 11.75
N MET A 160 8.68 11.42 10.88
CA MET A 160 8.34 10.02 11.18
C MET A 160 9.53 9.09 11.03
N ALA A 161 10.58 9.48 10.29
CA ALA A 161 11.75 8.60 10.17
C ALA A 161 12.56 8.57 11.45
N ASN A 162 12.75 9.73 12.12
CA ASN A 162 13.56 9.68 13.33
C ASN A 162 13.21 10.78 14.32
N GLY A 163 11.94 11.15 14.40
CA GLY A 163 11.49 12.16 15.34
C GLY A 163 10.51 11.56 16.33
N THR A 164 10.47 12.16 17.51
CA THR A 164 9.48 11.81 18.53
C THR A 164 8.63 13.03 18.84
N LEU A 165 7.51 12.77 19.51
CA LEU A 165 6.63 13.82 19.97
C LEU A 165 6.44 13.72 21.48
N LYS A 166 7.53 13.82 22.22
CA LYS A 166 7.47 13.92 23.66
C LYS A 166 6.69 15.18 24.06
N SER A 167 6.14 15.17 25.28
CA SER A 167 5.58 16.37 25.92
C SER A 167 4.68 17.16 24.97
N GLY A 168 5.05 18.42 24.72
CA GLY A 168 4.59 19.21 23.62
C GLY A 168 5.81 19.66 22.84
N ILE A 169 6.79 18.76 22.76
CA ILE A 169 8.11 19.01 22.19
C ILE A 169 8.32 18.06 21.02
N ILE A 170 8.98 18.55 19.97
CA ILE A 170 9.37 17.71 18.83
C ILE A 170 10.89 17.61 18.83
N GLU A 171 11.42 16.38 18.74
CA GLU A 171 12.87 16.17 18.69
C GLU A 171 13.21 15.28 17.52
N ILE A 172 14.28 15.64 16.81
CA ILE A 172 14.70 14.93 15.60
C ILE A 172 16.22 14.79 15.64
N TYR A 173 16.69 13.55 15.79
CA TYR A 173 18.13 13.29 15.88
C TYR A 173 18.67 12.86 14.54
N CYS A 174 19.95 13.16 14.31
CA CYS A 174 20.68 12.74 13.12
C CYS A 174 22.11 13.30 13.19
N ASP A 175 22.95 12.89 12.25
CA ASP A 175 24.18 13.61 11.94
C ASP A 175 23.83 14.57 10.81
N ASP A 176 24.72 14.67 9.82
CA ASP A 176 24.46 15.42 8.59
C ASP A 176 23.76 16.75 8.87
N GLU A 177 24.51 17.74 9.39
CA GLU A 177 23.90 18.97 9.88
C GLU A 177 22.99 19.65 8.86
N SER A 178 23.24 19.43 7.56
CA SER A 178 22.38 20.03 6.53
C SER A 178 20.96 19.47 6.60
N LEU A 179 20.83 18.16 6.81
CA LEU A 179 19.58 17.58 7.28
C LEU A 179 19.51 17.87 8.77
N LEU A 180 18.56 18.73 9.15
CA LEU A 180 18.31 19.30 10.49
C LEU A 180 18.15 20.80 10.30
N GLU A 181 19.08 21.43 9.57
CA GLU A 181 18.84 22.78 9.05
C GLU A 181 17.67 22.75 8.08
N ARG A 182 17.63 21.75 7.20
CA ARG A 182 16.49 21.59 6.31
C ARG A 182 15.20 21.42 7.10
N VAL A 183 15.22 20.61 8.16
CA VAL A 183 13.99 20.39 8.93
C VAL A 183 13.57 21.67 9.62
N ASN A 184 14.51 22.39 10.24
CA ASN A 184 14.16 23.64 10.92
C ASN A 184 13.66 24.69 9.92
N SER A 185 14.34 24.81 8.78
CA SER A 185 13.89 25.74 7.73
C SER A 185 12.47 25.41 7.28
N LEU A 186 12.19 24.13 6.99
CA LEU A 186 10.82 23.81 6.58
C LEU A 186 9.84 24.03 7.70
N SER A 187 10.26 23.84 8.95
CA SER A 187 9.32 24.05 10.06
C SER A 187 8.96 25.53 10.16
N LEU A 188 9.96 26.40 10.04
CA LEU A 188 9.69 27.83 10.05
C LEU A 188 8.86 28.25 8.84
N LYS A 189 9.16 27.67 7.68
CA LYS A 189 8.45 28.04 6.46
C LYS A 189 6.96 27.68 6.56
N LEU A 190 6.66 26.45 6.97
CA LEU A 190 5.29 25.96 6.94
C LEU A 190 4.49 26.39 8.16
N PHE A 191 5.13 26.42 9.33
CA PHE A 191 4.42 26.63 10.57
C PHE A 191 4.80 27.92 11.27
N GLY A 192 5.80 28.64 10.76
CA GLY A 192 6.23 29.88 11.38
C GLY A 192 6.88 29.70 12.73
N VAL A 193 7.22 28.48 13.12
CA VAL A 193 7.87 28.20 14.39
C VAL A 193 9.16 27.44 14.10
N GLY A 194 10.26 27.89 14.69
CA GLY A 194 11.56 27.27 14.51
C GLY A 194 12.06 26.59 15.76
N GLY A 195 13.27 26.02 15.65
CA GLY A 195 13.93 25.39 16.78
C GLY A 195 15.43 25.65 16.77
N ARG A 196 16.08 25.24 17.85
CA ARG A 196 17.52 25.29 17.94
C ARG A 196 18.06 23.87 17.88
N ILE A 197 19.24 23.72 17.27
CA ILE A 197 19.90 22.43 17.14
C ILE A 197 20.68 22.23 18.44
N VAL A 198 20.02 21.64 19.44
CA VAL A 198 20.72 21.33 20.68
C VAL A 198 21.67 20.17 20.40
N GLN A 199 22.98 20.46 20.46
CA GLN A 199 23.98 19.40 20.31
C GLN A 199 23.89 18.51 21.54
N LYS A 200 23.05 17.48 21.44
CA LYS A 200 22.87 16.64 22.59
C LYS A 200 24.11 15.80 22.76
N VAL A 201 24.08 15.12 23.87
CA VAL A 201 25.34 14.58 24.29
C VAL A 201 25.57 13.18 23.66
N ASP A 202 24.49 12.52 23.16
CA ASP A 202 24.56 11.35 22.26
C ASP A 202 24.94 11.68 20.81
N GLY A 203 24.37 12.72 20.27
CA GLY A 203 24.68 13.22 18.95
C GLY A 203 23.96 14.54 18.81
N LYS A 204 24.01 15.11 17.60
CA LYS A 204 23.25 16.33 17.34
C LYS A 204 21.75 16.04 17.21
N ALA A 205 20.94 17.04 17.53
CA ALA A 205 19.48 16.91 17.45
C ALA A 205 18.87 18.29 17.30
N LEU A 206 17.73 18.34 16.60
CA LEU A 206 16.88 19.52 16.54
C LEU A 206 15.74 19.32 17.52
N VAL A 207 15.33 20.41 18.18
CA VAL A 207 14.24 20.38 19.14
C VAL A 207 13.42 21.66 18.96
N ILE A 208 12.10 21.48 18.84
CA ILE A 208 11.15 22.58 18.70
C ILE A 208 10.20 22.50 19.88
N GLN A 209 10.05 23.61 20.59
CA GLN A 209 9.24 23.71 21.80
C GLN A 209 7.97 24.47 21.43
N SER A 210 6.94 23.74 20.99
CA SER A 210 5.65 24.36 20.70
C SER A 210 4.56 23.35 21.04
N LYS A 211 3.89 23.57 22.17
CA LYS A 211 2.78 22.71 22.56
C LYS A 211 1.70 22.56 21.49
N PRO A 212 1.29 23.60 20.76
CA PRO A 212 0.26 23.41 19.72
C PRO A 212 0.77 22.83 18.40
N LEU A 213 2.10 22.71 18.21
CA LEU A 213 2.57 22.08 16.98
C LEU A 213 2.45 20.57 17.03
N VAL A 214 2.90 19.95 18.13
CA VAL A 214 2.75 18.51 18.27
C VAL A 214 1.30 18.11 18.21
N ASP A 215 0.39 19.02 18.57
CA ASP A 215 -1.03 18.66 18.62
C ASP A 215 -1.62 18.59 17.22
N VAL A 216 -1.32 19.57 16.37
CA VAL A 216 -1.84 19.47 15.01
C VAL A 216 -1.08 18.40 14.21
N LEU A 217 0.21 18.16 14.53
CA LEU A 217 0.90 17.03 13.92
C LEU A 217 0.30 15.71 14.35
N ARG A 218 -0.24 15.63 15.58
CA ARG A 218 -0.97 14.45 16.00
C ARG A 218 -2.27 14.31 15.23
N ARG A 219 -3.02 15.42 15.08
CA ARG A 219 -4.25 15.40 14.30
C ARG A 219 -4.00 14.96 12.86
N LEU A 220 -2.81 15.24 12.33
CA LEU A 220 -2.45 14.80 10.99
C LEU A 220 -2.24 13.29 10.89
N GLY A 221 -2.13 12.60 12.02
CA GLY A 221 -1.88 11.17 12.02
C GLY A 221 -0.44 10.79 12.21
N VAL A 222 0.43 11.75 12.47
CA VAL A 222 1.84 11.46 12.74
C VAL A 222 1.95 10.71 14.07
N PRO A 223 2.58 9.53 14.08
CA PRO A 223 2.79 8.82 15.35
C PRO A 223 3.68 9.61 16.29
N GLU A 224 3.43 9.44 17.59
CA GLU A 224 4.24 10.12 18.62
C GLU A 224 5.73 9.82 18.45
N ASP A 225 6.06 8.62 17.98
CA ASP A 225 7.43 8.25 17.63
C ASP A 225 7.35 6.92 16.89
N LYS A 226 8.52 6.41 16.50
CA LYS A 226 8.59 5.02 16.07
C LYS A 226 8.40 4.12 17.30
N LYS A 227 8.41 2.81 17.07
CA LYS A 227 8.33 1.83 18.16
C LYS A 227 7.02 1.99 18.95
N VAL A 228 5.92 2.16 18.24
CA VAL A 228 4.61 2.26 18.84
C VAL A 228 3.68 1.24 18.17
N GLU A 229 2.77 0.67 18.97
CA GLU A 229 2.00 -0.49 18.56
C GLU A 229 1.12 -0.22 17.35
N ASN A 230 0.50 0.96 17.30
CA ASN A 230 -0.43 1.32 16.22
C ASN A 230 0.22 2.26 15.20
N TRP A 231 1.53 2.12 14.97
CA TRP A 231 2.23 2.94 13.98
C TRP A 231 1.59 2.76 12.62
N LYS A 232 1.14 3.87 12.04
CA LYS A 232 0.46 3.86 10.75
C LYS A 232 0.89 5.07 9.94
N VAL A 233 0.88 4.90 8.63
CA VAL A 233 1.14 6.02 7.71
C VAL A 233 -0.08 6.94 7.70
N PRO A 234 0.11 8.25 7.76
CA PRO A 234 -1.04 9.16 7.71
C PRO A 234 -1.90 8.87 6.49
N ARG A 235 -3.22 8.78 6.73
CA ARG A 235 -4.17 8.44 5.68
C ARG A 235 -3.96 9.25 4.41
N GLU A 236 -3.77 10.57 4.53
CA GLU A 236 -3.74 11.45 3.36
C GLU A 236 -2.56 11.19 2.44
N LEU A 237 -1.52 10.50 2.91
CA LEU A 237 -0.37 10.23 2.07
C LEU A 237 -0.70 9.16 1.01
N LEU A 238 -1.49 8.16 1.39
CA LEU A 238 -1.88 7.13 0.41
C LEU A 238 -2.76 7.71 -0.69
N LEU A 239 -3.53 8.75 -0.41
CA LEU A 239 -4.46 9.38 -1.34
C LEU A 239 -3.87 10.59 -2.08
N SER A 240 -2.60 10.91 -1.85
CA SER A 240 -1.95 12.09 -2.41
C SER A 240 -1.36 11.76 -3.76
N PRO A 241 -0.95 12.77 -4.54
CA PRO A 241 -0.23 12.52 -5.79
C PRO A 241 1.16 11.95 -5.56
N SER A 242 1.72 11.45 -6.67
CA SER A 242 3.00 10.75 -6.66
C SER A 242 4.15 11.65 -6.23
N ASN A 243 4.18 12.91 -6.69
CA ASN A 243 5.30 13.79 -6.34
C ASN A 243 5.31 14.11 -4.84
N VAL A 244 4.12 14.21 -4.23
CA VAL A 244 4.02 14.40 -2.78
C VAL A 244 4.54 13.18 -2.03
N VAL A 245 4.17 11.98 -2.49
CA VAL A 245 4.64 10.78 -1.82
C VAL A 245 6.15 10.63 -1.96
N ARG A 246 6.69 11.03 -3.11
CA ARG A 246 8.14 11.00 -3.31
C ARG A 246 8.84 11.97 -2.37
N ALA A 247 8.26 13.16 -2.17
CA ALA A 247 8.85 14.09 -1.21
C ALA A 247 8.88 13.47 0.18
N PHE A 248 7.82 12.75 0.56
CA PHE A 248 7.80 12.07 1.85
C PHE A 248 8.88 10.98 1.94
N VAL A 249 8.90 10.09 0.94
CA VAL A 249 9.72 8.87 1.01
C VAL A 249 11.20 9.20 0.88
N ASN A 250 11.56 10.13 -0.01
CA ASN A 250 12.96 10.55 -0.07
C ASN A 250 13.45 11.11 1.26
N ALA A 251 12.57 11.70 2.08
CA ALA A 251 13.02 12.12 3.39
C ALA A 251 13.04 10.97 4.39
N TYR A 252 12.03 10.08 4.33
CA TYR A 252 11.94 8.96 5.25
C TYR A 252 13.15 8.02 5.15
N ILE A 253 13.73 7.87 3.96
CA ILE A 253 14.99 7.15 3.77
C ILE A 253 16.07 8.17 3.45
N LYS A 254 17.19 8.08 4.14
CA LYS A 254 18.13 9.21 4.12
C LYS A 254 19.05 9.18 2.92
N VAL A 259 18.73 -0.62 2.91
CA VAL A 259 17.51 0.18 3.11
C VAL A 259 16.32 -0.65 3.64
N GLU A 260 16.17 -0.70 4.98
CA GLU A 260 15.18 -1.56 5.64
C GLU A 260 14.52 -0.81 6.79
N ILE A 261 13.27 -1.20 7.08
CA ILE A 261 12.42 -0.53 8.08
C ILE A 261 11.80 -1.60 8.97
N THR A 262 12.05 -1.52 10.28
CA THR A 262 11.50 -2.47 11.25
C THR A 262 10.39 -1.80 12.06
N LEU A 263 9.25 -2.47 12.15
CA LEU A 263 8.06 -1.96 12.83
C LEU A 263 7.44 -3.08 13.63
N ALA A 264 6.59 -2.70 14.59
CA ALA A 264 5.78 -3.68 15.31
C ALA A 264 4.34 -3.68 14.82
N SER A 265 3.99 -2.83 13.87
CA SER A 265 2.62 -2.68 13.40
C SER A 265 2.48 -3.36 12.05
N GLU A 266 1.78 -4.50 12.04
CA GLU A 266 1.43 -5.19 10.81
C GLU A 266 0.76 -4.24 9.81
N GLU A 267 -0.20 -3.45 10.30
CA GLU A 267 -0.94 -2.53 9.46
C GLU A 267 -0.02 -1.48 8.86
N GLY A 268 0.87 -0.91 9.68
CA GLY A 268 1.75 0.13 9.18
C GLY A 268 2.71 -0.39 8.13
N ALA A 269 3.21 -1.61 8.32
CA ALA A 269 4.08 -2.21 7.30
C ALA A 269 3.33 -2.43 5.99
N TYR A 270 2.08 -2.92 6.06
CA TYR A 270 1.29 -3.11 4.83
C TYR A 270 1.04 -1.78 4.13
N GLU A 271 0.66 -0.76 4.91
CA GLU A 271 0.47 0.58 4.35
C GLU A 271 1.75 1.07 3.67
N LEU A 272 2.91 0.72 4.23
CA LEU A 272 4.16 1.15 3.61
C LEU A 272 4.34 0.51 2.24
N SER A 273 3.98 -0.79 2.12
CA SER A 273 4.06 -1.43 0.80
C SER A 273 3.18 -0.71 -0.23
N TYR A 274 2.03 -0.20 0.20
CA TYR A 274 1.23 0.57 -0.75
C TYR A 274 1.87 1.92 -1.08
N LEU A 275 2.41 2.59 -0.07
CA LEU A 275 3.06 3.88 -0.28
C LEU A 275 4.20 3.76 -1.28
N PHE A 276 5.04 2.74 -1.13
CA PHE A 276 6.13 2.54 -2.07
C PHE A 276 5.60 2.16 -3.44
N ALA A 277 4.51 1.39 -3.53
CA ALA A 277 3.96 1.04 -4.84
C ALA A 277 3.50 2.27 -5.58
N LYS A 278 2.98 3.26 -4.87
CA LYS A 278 2.65 4.53 -5.52
C LYS A 278 3.86 5.21 -6.19
N LEU A 279 5.09 4.77 -5.93
CA LEU A 279 6.25 5.29 -6.64
C LEU A 279 6.89 4.26 -7.56
N GLY A 280 6.29 3.09 -7.71
CA GLY A 280 6.91 2.05 -8.52
C GLY A 280 8.10 1.41 -7.87
N ILE A 281 8.23 1.51 -6.55
CA ILE A 281 9.37 0.97 -5.83
C ILE A 281 9.05 -0.47 -5.42
N TYR A 282 9.91 -1.39 -5.82
CA TYR A 282 9.80 -2.80 -5.45
C TYR A 282 10.07 -2.98 -3.96
N VAL A 283 9.16 -3.67 -3.26
CA VAL A 283 9.27 -3.82 -1.81
C VAL A 283 8.95 -5.26 -1.40
N THR A 284 9.69 -5.77 -0.43
CA THR A 284 9.39 -7.04 0.21
C THR A 284 9.10 -6.81 1.69
N ILE A 285 8.37 -7.73 2.29
CA ILE A 285 8.09 -7.71 3.72
C ILE A 285 8.37 -9.08 4.30
N SER A 286 9.03 -9.10 5.45
CA SER A 286 9.30 -10.33 6.17
C SER A 286 8.95 -10.10 7.64
N LYS A 287 8.75 -11.19 8.38
CA LYS A 287 8.38 -11.09 9.79
C LYS A 287 9.35 -11.92 10.60
N SER A 288 10.15 -11.24 11.41
CA SER A 288 11.07 -11.91 12.33
C SER A 288 10.49 -11.81 13.72
N GLY A 289 10.18 -12.96 14.31
CA GLY A 289 9.49 -12.97 15.60
C GLY A 289 8.17 -12.24 15.46
N GLU A 290 8.01 -11.18 16.25
CA GLU A 290 6.81 -10.36 16.20
C GLU A 290 6.99 -9.07 15.40
N TYR A 291 8.21 -8.77 14.94
CA TYR A 291 8.49 -7.54 14.20
C TYR A 291 8.38 -7.78 12.69
N TYR A 292 8.00 -6.72 11.96
CA TYR A 292 7.90 -6.73 10.51
C TYR A 292 9.01 -5.88 9.90
N LYS A 293 9.61 -6.39 8.83
CA LYS A 293 10.77 -5.80 8.17
C LYS A 293 10.40 -5.53 6.71
N VAL A 294 10.22 -4.25 6.40
CA VAL A 294 9.95 -3.77 5.06
C VAL A 294 11.28 -3.46 4.38
N ARG A 295 11.60 -4.20 3.34
CA ARG A 295 12.86 -4.07 2.61
C ARG A 295 12.60 -3.42 1.26
N VAL A 296 13.42 -2.43 0.93
CA VAL A 296 13.24 -1.60 -0.26
C VAL A 296 14.39 -1.91 -1.21
N SER A 297 14.13 -2.67 -2.26
CA SER A 297 15.18 -3.05 -3.18
C SER A 297 15.35 -2.00 -4.27
N GLY A 300 14.27 -3.82 -8.85
CA GLY A 300 13.01 -3.35 -9.42
C GLY A 300 12.12 -4.49 -9.88
N ASN A 301 12.57 -5.72 -9.62
CA ASN A 301 11.81 -6.92 -9.94
C ASN A 301 12.42 -8.09 -9.18
N LEU A 302 11.83 -9.28 -9.36
CA LEU A 302 12.25 -10.52 -8.74
C LEU A 302 13.54 -11.03 -9.39
N ASP A 303 14.09 -12.12 -8.85
CA ASP A 303 15.34 -12.67 -9.36
C ASP A 303 15.14 -13.47 -10.64
N THR A 304 13.93 -14.00 -10.87
CA THR A 304 13.55 -14.66 -12.11
C THR A 304 12.26 -14.03 -12.63
N ILE A 305 12.15 -13.97 -13.96
CA ILE A 305 11.00 -13.37 -14.63
C ILE A 305 10.44 -14.34 -15.68
N PRO A 306 9.13 -14.60 -15.69
CA PRO A 306 8.55 -15.45 -16.75
C PRO A 306 8.30 -14.65 -18.01
N VAL A 307 8.83 -15.13 -19.15
CA VAL A 307 8.73 -14.45 -20.43
C VAL A 307 8.27 -15.43 -21.51
N GLU A 308 7.98 -14.86 -22.68
CA GLU A 308 7.66 -15.61 -23.89
C GLU A 308 8.75 -15.27 -24.90
N VAL A 309 9.56 -16.28 -25.25
CA VAL A 309 10.53 -16.19 -26.32
C VAL A 309 10.23 -17.34 -27.27
N ASN A 310 10.39 -17.11 -28.57
CA ASN A 310 9.93 -18.04 -29.61
C ASN A 310 8.40 -18.19 -29.62
N GLY A 311 7.69 -17.29 -28.96
CA GLY A 311 6.28 -17.52 -28.71
C GLY A 311 5.99 -18.60 -27.70
N MET A 312 7.07 -19.27 -27.12
CA MET A 312 7.07 -20.35 -26.14
C MET A 312 7.44 -19.82 -24.75
N PRO A 313 6.97 -20.48 -23.69
CA PRO A 313 7.24 -20.00 -22.34
C PRO A 313 8.67 -20.28 -21.92
N LYS A 314 9.20 -19.42 -21.05
CA LYS A 314 10.55 -19.56 -20.53
C LYS A 314 10.66 -18.75 -19.23
N VAL A 315 11.60 -19.14 -18.38
CA VAL A 315 11.88 -18.39 -17.15
C VAL A 315 13.32 -17.88 -17.22
N LEU A 316 13.50 -16.54 -17.08
CA LEU A 316 14.84 -15.99 -17.23
C LEU A 316 15.37 -15.44 -15.92
N PRO A 317 16.65 -15.65 -15.62
CA PRO A 317 17.29 -14.92 -14.51
C PRO A 317 17.16 -13.42 -14.73
N TYR A 318 17.38 -12.65 -13.65
CA TYR A 318 17.17 -11.21 -13.73
C TYR A 318 18.14 -10.55 -14.72
N GLU A 319 19.39 -11.03 -14.77
CA GLU A 319 20.37 -10.31 -15.57
C GLU A 319 20.33 -10.67 -17.06
N ASP A 320 19.69 -11.79 -17.43
CA ASP A 320 19.34 -12.02 -18.84
C ASP A 320 18.01 -11.38 -19.19
N PHE A 321 17.10 -11.32 -18.22
CA PHE A 321 15.81 -10.66 -18.47
C PHE A 321 15.98 -9.18 -18.74
N ARG A 322 16.90 -8.51 -18.04
CA ARG A 322 17.06 -7.07 -18.24
C ARG A 322 17.59 -6.77 -19.64
N LYS A 323 18.55 -7.57 -20.14
CA LYS A 323 19.02 -7.42 -21.51
C LYS A 323 17.91 -7.64 -22.52
N PHE A 324 17.13 -8.72 -22.34
CA PHE A 324 15.99 -8.98 -23.23
C PHE A 324 14.96 -7.85 -23.17
N ALA A 325 14.74 -7.29 -21.98
CA ALA A 325 13.72 -6.25 -21.79
C ALA A 325 14.16 -4.92 -22.39
N LYS A 326 15.41 -4.51 -22.13
CA LYS A 326 15.94 -3.33 -22.81
C LYS A 326 15.91 -3.51 -24.32
N SER A 327 16.00 -4.76 -24.80
CA SER A 327 15.92 -4.98 -26.25
C SER A 327 14.56 -4.59 -26.81
N ILE A 328 13.48 -4.76 -26.04
CA ILE A 328 12.12 -4.57 -26.52
C ILE A 328 11.44 -3.34 -25.93
N GLY A 329 12.17 -2.54 -25.14
CA GLY A 329 11.64 -1.27 -24.65
C GLY A 329 10.87 -1.33 -23.34
N LEU A 330 11.56 -1.58 -22.23
CA LEU A 330 10.92 -1.62 -20.92
C LEU A 330 11.79 -0.96 -19.85
N GLN A 339 6.41 -0.51 -16.39
CA GLN A 339 5.60 -1.68 -16.05
C GLN A 339 4.93 -1.52 -14.69
N HIS A 340 3.59 -1.62 -14.68
CA HIS A 340 2.80 -1.48 -13.47
C HIS A 340 2.59 -2.80 -12.73
N ILE A 341 2.79 -3.92 -13.43
CA ILE A 341 2.54 -5.26 -12.91
C ILE A 341 3.83 -6.07 -12.99
N ILE A 342 4.07 -6.91 -11.98
CA ILE A 342 5.17 -7.86 -12.00
C ILE A 342 4.62 -9.20 -11.50
N PHE A 343 5.45 -10.22 -11.57
CA PHE A 343 4.97 -11.58 -11.32
C PHE A 343 5.72 -12.15 -10.12
N ASP A 344 5.00 -12.25 -9.04
CA ASP A 344 5.49 -12.81 -7.80
C ASP A 344 5.37 -14.33 -7.84
N GLU A 345 6.19 -15.00 -7.06
CA GLU A 345 6.23 -16.45 -7.03
C GLU A 345 5.53 -16.96 -5.78
N VAL A 346 4.61 -17.88 -5.98
CA VAL A 346 3.88 -18.48 -4.88
C VAL A 346 4.80 -19.47 -4.17
N ILE A 347 4.84 -19.39 -2.85
CA ILE A 347 5.56 -20.39 -2.07
C ILE A 347 4.63 -21.30 -1.28
N ASP A 348 3.39 -20.90 -1.03
CA ASP A 348 2.55 -21.74 -0.20
C ASP A 348 1.09 -21.59 -0.63
N VAL A 349 0.43 -22.72 -0.87
CA VAL A 349 -1.01 -22.78 -1.08
C VAL A 349 -1.60 -23.68 0.00
N ARG A 350 -2.61 -23.19 0.72
CA ARG A 350 -3.24 -23.96 1.78
C ARG A 350 -4.75 -23.86 1.66
N TYR A 351 -5.45 -24.98 1.82
CA TYR A 351 -6.90 -24.97 1.95
C TYR A 351 -7.28 -25.04 3.43
N ILE A 352 -8.14 -24.11 3.86
CA ILE A 352 -8.60 -23.99 5.22
C ILE A 352 -10.08 -24.40 5.28
N PRO A 353 -10.41 -25.56 5.84
CA PRO A 353 -11.80 -26.07 5.84
C PRO A 353 -12.62 -25.49 6.98
N GLU A 354 -12.84 -24.17 6.93
CA GLU A 354 -13.51 -23.46 8.00
C GLU A 354 -14.50 -22.47 7.39
N PRO A 355 -15.76 -22.52 7.78
CA PRO A 355 -16.71 -21.54 7.26
C PRO A 355 -16.40 -20.14 7.79
N GLN A 356 -16.57 -19.15 6.93
CA GLN A 356 -16.42 -17.77 7.33
C GLN A 356 -17.21 -16.87 6.40
N GLU A 357 -17.44 -15.64 6.86
CA GLU A 357 -18.01 -14.59 6.02
C GLU A 357 -17.00 -14.17 4.97
N VAL A 358 -17.50 -13.86 3.78
CA VAL A 358 -16.66 -13.43 2.67
C VAL A 358 -17.27 -12.17 2.07
N TYR A 359 -16.44 -11.43 1.34
CA TYR A 359 -16.80 -10.10 0.86
C TYR A 359 -16.30 -9.93 -0.57
N ASP A 360 -16.94 -9.02 -1.30
CA ASP A 360 -16.63 -8.78 -2.70
C ASP A 360 -17.02 -7.35 -3.06
N VAL A 361 -16.34 -6.79 -4.07
CA VAL A 361 -16.65 -5.48 -4.63
C VAL A 361 -16.61 -5.56 -6.15
N THR A 362 -17.67 -5.12 -6.81
CA THR A 362 -17.74 -5.17 -8.27
C THR A 362 -17.21 -3.86 -8.84
N THR A 363 -16.35 -3.96 -9.86
CA THR A 363 -15.73 -2.80 -10.51
C THR A 363 -15.89 -2.91 -12.03
N GLU A 364 -15.73 -1.77 -12.73
CA GLU A 364 -15.95 -1.73 -14.18
C GLU A 364 -15.03 -2.69 -14.93
N THR A 365 -13.80 -2.86 -14.45
CA THR A 365 -12.78 -3.71 -15.05
C THR A 365 -12.91 -5.17 -14.63
N HIS A 366 -13.81 -5.48 -13.70
CA HIS A 366 -13.92 -6.79 -13.05
C HIS A 366 -12.61 -7.20 -12.34
N ASN A 367 -11.73 -6.26 -12.01
CA ASN A 367 -10.61 -6.52 -11.12
C ASN A 367 -10.41 -5.35 -10.18
N PHE A 368 -9.64 -5.59 -9.12
CA PHE A 368 -9.30 -4.51 -8.20
C PHE A 368 -7.98 -4.81 -7.48
N VAL A 369 -7.48 -3.79 -6.80
CA VAL A 369 -6.17 -3.87 -6.15
C VAL A 369 -6.39 -4.04 -4.66
N GLY A 370 -5.96 -5.18 -4.13
CA GLY A 370 -6.06 -5.38 -2.69
C GLY A 370 -5.04 -6.39 -2.21
N GLY A 371 -5.17 -6.74 -0.93
CA GLY A 371 -4.25 -7.64 -0.26
C GLY A 371 -3.29 -6.86 0.64
N ASN A 372 -2.57 -7.61 1.50
CA ASN A 372 -1.69 -6.96 2.46
C ASN A 372 -0.60 -6.17 1.75
N MET A 373 -0.20 -6.60 0.56
CA MET A 373 0.60 -5.84 -0.38
C MET A 373 -0.15 -5.76 -1.71
N PRO A 374 0.08 -4.70 -2.50
CA PRO A 374 -0.75 -4.48 -3.70
C PRO A 374 -0.77 -5.70 -4.61
N THR A 375 -1.96 -6.32 -4.78
CA THR A 375 -2.15 -7.51 -5.58
C THR A 375 -3.35 -7.30 -6.50
N LEU A 376 -3.28 -7.85 -7.70
CA LEU A 376 -4.37 -7.73 -8.67
C LEU A 376 -5.34 -8.87 -8.46
N LEU A 377 -6.52 -8.56 -7.94
CA LEU A 377 -7.53 -9.56 -7.64
C LEU A 377 -8.64 -9.52 -8.70
N HIS A 378 -9.15 -10.69 -9.06
CA HIS A 378 -10.07 -10.79 -10.21
C HIS A 378 -11.37 -11.45 -9.77
N ASN A 379 -12.39 -10.64 -9.58
CA ASN A 379 -13.71 -11.14 -9.23
C ASN A 379 -14.64 -11.16 -10.46
#